data_4PP3
#
_entry.id   4PP3
#
_cell.length_a   66.224
_cell.length_b   66.224
_cell.length_c   110.874
_cell.angle_alpha   90.00
_cell.angle_beta   90.00
_cell.angle_gamma   90.00
#
_symmetry.space_group_name_H-M   'P 43 21 2'
#
loop_
_entity.id
_entity.type
_entity.pdbx_description
1 polymer 'Retinoic acid receptor RXR-alpha'
2 polymer 'Nuclear receptor coactivator 2'
3 non-polymer '(2E,4E,6Z,8E)-3,7-dimethyl-8-(6-methyl-3,4-dihydronaphthalen-1(2H)-ylidene)octa-2,4,6-trienoic acid'
4 water water
#
loop_
_entity_poly.entity_id
_entity_poly.type
_entity_poly.pdbx_seq_one_letter_code
_entity_poly.pdbx_strand_id
1 'polypeptide(L)'
;EDMPVERILEAELAVEPKTETYVEANMGLNPSSPNDPVTNICQAADKQLFTLVEWAKRIPHFSELPLDDQVILLRAGWNE
LLIASFSHRSIAVKDGILLATGLHVHRNSAHSAGVGAIFDRVLTELVSKMRDMQMDKTELGCLRAIVLFNPDSKGLSNPA
EVEALREKVYASLEAYCKHKYPEQPGRFAKLLLRLPALRSIGLKCLEHLFFFKLIGDTPIDTFLMEMLEAP
;
A
2 'polypeptide(L)' KHKILHRLLQDSS B
#
# COMPACT_ATOMS: atom_id res chain seq x y z
N GLU A 1 -9.50 -18.89 8.39
CA GLU A 1 -10.76 -19.44 7.80
C GLU A 1 -11.60 -18.33 7.19
N ASP A 2 -12.21 -18.62 6.04
CA ASP A 2 -13.05 -17.66 5.35
C ASP A 2 -12.25 -16.44 4.87
N MET A 3 -11.23 -16.68 4.06
CA MET A 3 -10.41 -15.60 3.51
C MET A 3 -10.00 -15.99 2.09
N PRO A 4 -10.98 -16.10 1.18
CA PRO A 4 -10.75 -16.48 -0.22
C PRO A 4 -9.96 -15.44 -1.01
N VAL A 5 -8.93 -15.90 -1.71
CA VAL A 5 -8.09 -15.03 -2.51
C VAL A 5 -8.91 -14.39 -3.63
N GLU A 6 -10.03 -15.02 -3.97
CA GLU A 6 -10.90 -14.49 -5.01
C GLU A 6 -11.44 -13.12 -4.63
N ARG A 7 -11.86 -12.99 -3.38
CA ARG A 7 -12.38 -11.72 -2.88
C ARG A 7 -11.28 -10.67 -2.85
N ILE A 8 -10.08 -11.09 -2.45
CA ILE A 8 -8.93 -10.19 -2.41
C ILE A 8 -8.61 -9.65 -3.80
N LEU A 9 -8.59 -10.55 -4.78
CA LEU A 9 -8.31 -10.18 -6.15
C LEU A 9 -9.38 -9.22 -6.67
N GLU A 10 -10.64 -9.50 -6.35
CA GLU A 10 -11.75 -8.65 -6.75
C GLU A 10 -11.58 -7.24 -6.21
N ALA A 11 -11.15 -7.13 -4.96
CA ALA A 11 -10.95 -5.83 -4.33
C ALA A 11 -9.91 -5.02 -5.12
N GLU A 12 -8.89 -5.70 -5.63
CA GLU A 12 -7.83 -5.04 -6.42
C GLU A 12 -8.37 -4.61 -7.79
N LEU A 13 -9.13 -5.48 -8.43
CA LEU A 13 -9.69 -5.18 -9.76
C LEU A 13 -10.78 -4.12 -9.71
N ALA A 14 -11.41 -4.00 -8.54
CA ALA A 14 -12.49 -3.04 -8.38
C ALA A 14 -12.01 -1.60 -8.16
N VAL A 15 -10.86 -1.45 -7.51
CA VAL A 15 -10.34 -0.12 -7.22
C VAL A 15 -9.37 0.42 -8.25
N GLU A 16 -9.11 -0.34 -9.31
CA GLU A 16 -8.18 0.12 -10.33
C GLU A 16 -8.34 -0.64 -11.63
N PRO A 17 -8.52 0.10 -12.75
CA PRO A 17 -8.70 -0.49 -14.09
C PRO A 17 -7.42 -1.14 -14.63
N ASN A 35 7.11 22.16 -13.54
CA ASN A 35 6.34 21.03 -13.01
C ASN A 35 7.16 20.24 -11.99
N ASP A 36 6.70 20.23 -10.75
CA ASP A 36 7.37 19.50 -9.68
C ASP A 36 6.71 18.13 -9.47
N PRO A 37 7.46 17.05 -9.75
CA PRO A 37 6.93 15.70 -9.59
C PRO A 37 6.46 15.38 -8.18
N VAL A 38 7.07 16.03 -7.19
CA VAL A 38 6.69 15.82 -5.81
C VAL A 38 5.24 16.23 -5.61
N THR A 39 4.88 17.40 -6.12
CA THR A 39 3.49 17.86 -5.99
C THR A 39 2.54 16.87 -6.66
N ASN A 40 2.92 16.34 -7.82
CA ASN A 40 2.07 15.37 -8.53
C ASN A 40 1.92 14.09 -7.71
N ILE A 41 2.99 13.68 -7.05
CA ILE A 41 2.97 12.50 -6.21
C ILE A 41 2.02 12.71 -5.02
N CYS A 42 2.09 13.88 -4.39
CA CYS A 42 1.24 14.16 -3.26
C CYS A 42 -0.24 14.20 -3.66
N GLN A 43 -0.53 14.76 -4.82
CA GLN A 43 -1.92 14.82 -5.27
C GLN A 43 -2.43 13.41 -5.55
N ALA A 44 -1.57 12.58 -6.13
CA ALA A 44 -1.93 11.20 -6.44
C ALA A 44 -2.16 10.43 -5.15
N ALA A 45 -1.32 10.66 -4.13
CA ALA A 45 -1.48 9.96 -2.85
C ALA A 45 -2.81 10.32 -2.22
N ASP A 46 -3.15 11.62 -2.23
CA ASP A 46 -4.40 12.08 -1.63
C ASP A 46 -5.58 11.41 -2.34
N LYS A 47 -5.61 11.46 -3.63
CA LYS A 47 -6.48 10.80 -4.49
C LYS A 47 -6.70 9.24 -4.12
N GLN A 48 -5.60 8.58 -4.00
CA GLN A 48 -5.67 7.17 -3.69
C GLN A 48 -6.10 6.87 -2.26
N LEU A 49 -5.98 7.83 -1.37
CA LEU A 49 -6.41 7.60 0.00
C LEU A 49 -7.90 7.31 0.04
N PHE A 50 -8.68 7.99 -0.79
CA PHE A 50 -10.12 7.74 -0.83
C PHE A 50 -10.39 6.35 -1.38
N THR A 51 -9.69 5.99 -2.44
CA THR A 51 -9.84 4.68 -3.07
C THR A 51 -9.37 3.59 -2.11
N LEU A 52 -8.37 3.89 -1.28
CA LEU A 52 -7.84 2.92 -0.32
C LEU A 52 -8.91 2.46 0.70
N VAL A 53 -9.71 3.40 1.17
CA VAL A 53 -10.74 3.06 2.13
C VAL A 53 -11.73 2.08 1.51
N GLU A 54 -12.09 2.31 0.25
CA GLU A 54 -13.03 1.42 -0.43
C GLU A 54 -12.41 0.03 -0.66
N TRP A 55 -11.12 0.01 -0.94
CA TRP A 55 -10.40 -1.24 -1.15
C TRP A 55 -10.46 -2.04 0.14
N ALA A 56 -10.23 -1.37 1.25
CA ALA A 56 -10.24 -2.03 2.55
C ALA A 56 -11.59 -2.65 2.88
N LYS A 57 -12.67 -1.94 2.58
CA LYS A 57 -14.03 -2.44 2.83
C LYS A 57 -14.32 -3.73 2.04
N ARG A 58 -13.61 -3.91 0.91
CA ARG A 58 -13.79 -5.12 0.10
C ARG A 58 -12.95 -6.28 0.59
N ILE A 59 -12.04 -6.03 1.53
CA ILE A 59 -11.20 -7.10 2.07
C ILE A 59 -12.04 -7.81 3.15
N PRO A 60 -12.28 -9.13 2.98
CA PRO A 60 -13.07 -9.92 3.93
C PRO A 60 -12.79 -9.69 5.41
N HIS A 61 -13.81 -9.54 6.16
CA HIS A 61 -13.83 -9.31 7.60
C HIS A 61 -13.28 -7.92 8.10
N PHE A 62 -12.66 -7.18 7.21
CA PHE A 62 -12.14 -5.89 7.64
C PHE A 62 -13.21 -4.98 8.24
N SER A 63 -14.28 -4.75 7.48
CA SER A 63 -15.37 -3.88 7.91
C SER A 63 -16.09 -4.41 9.14
N GLU A 64 -15.81 -5.64 9.52
CA GLU A 64 -16.44 -6.26 10.67
C GLU A 64 -15.70 -5.88 11.97
N LEU A 65 -14.53 -5.29 11.83
CA LEU A 65 -13.75 -4.85 12.99
C LEU A 65 -14.34 -3.52 13.47
N PRO A 66 -14.13 -3.17 14.75
CA PRO A 66 -14.67 -1.92 15.27
C PRO A 66 -14.08 -0.72 14.54
N LEU A 67 -14.91 0.30 14.32
CA LEU A 67 -14.49 1.50 13.61
C LEU A 67 -13.12 2.00 14.07
N ASP A 68 -12.90 1.98 15.38
CA ASP A 68 -11.65 2.45 15.96
C ASP A 68 -10.43 1.67 15.47
N ASP A 69 -10.57 0.35 15.34
CA ASP A 69 -9.46 -0.47 14.86
C ASP A 69 -9.29 -0.34 13.35
N GLN A 70 -10.39 -0.09 12.62
CA GLN A 70 -10.31 0.08 11.18
C GLN A 70 -9.48 1.32 10.90
N VAL A 71 -9.69 2.36 11.71
CA VAL A 71 -8.96 3.61 11.55
C VAL A 71 -7.48 3.38 11.85
N ILE A 72 -7.19 2.71 12.95
CA ILE A 72 -5.81 2.43 13.31
C ILE A 72 -5.06 1.67 12.22
N LEU A 73 -5.68 0.63 11.68
CA LEU A 73 -5.07 -0.14 10.61
C LEU A 73 -4.73 0.67 9.36
N LEU A 74 -5.66 1.47 8.90
CA LEU A 74 -5.42 2.28 7.72
C LEU A 74 -4.39 3.38 7.98
N ARG A 75 -4.48 4.01 9.16
CA ARG A 75 -3.53 5.00 9.63
C ARG A 75 -2.10 4.47 9.72
N ALA A 76 -2.04 3.26 10.08
CA ALA A 76 -0.74 2.62 10.28
C ALA A 76 -0.15 2.05 8.99
N GLY A 77 -1.00 1.71 8.00
CA GLY A 77 -0.41 1.13 6.80
C GLY A 77 -0.68 1.78 5.46
N TRP A 78 -1.39 2.91 5.47
CA TRP A 78 -1.72 3.58 4.22
C TRP A 78 -0.51 3.85 3.33
N ASN A 79 0.59 4.34 3.90
CA ASN A 79 1.77 4.64 3.11
C ASN A 79 2.31 3.39 2.40
N GLU A 80 2.46 2.29 3.12
CA GLU A 80 2.95 1.05 2.48
C GLU A 80 1.96 0.48 1.48
N LEU A 81 0.67 0.60 1.78
CA LEU A 81 -0.38 0.11 0.89
C LEU A 81 -0.37 0.81 -0.46
N LEU A 82 -0.22 2.13 -0.43
CA LEU A 82 -0.20 2.88 -1.68
C LEU A 82 1.07 2.63 -2.46
N ILE A 83 2.19 2.53 -1.75
CA ILE A 83 3.48 2.26 -2.39
C ILE A 83 3.49 0.91 -3.11
N ALA A 84 2.98 -0.13 -2.44
CA ALA A 84 2.90 -1.45 -3.04
C ALA A 84 2.09 -1.36 -4.33
N SER A 85 0.99 -0.62 -4.27
CA SER A 85 0.11 -0.45 -5.44
C SER A 85 0.72 0.25 -6.65
N PHE A 86 1.29 1.44 -6.49
CA PHE A 86 1.84 2.10 -7.65
C PHE A 86 3.13 1.41 -8.13
N SER A 87 3.78 0.68 -7.24
CA SER A 87 4.98 -0.03 -7.63
C SER A 87 4.62 -1.16 -8.59
N HIS A 88 3.56 -1.90 -8.30
CA HIS A 88 3.14 -3.01 -9.14
C HIS A 88 2.57 -2.48 -10.45
N ARG A 89 1.89 -1.33 -10.36
CA ARG A 89 1.33 -0.70 -11.52
C ARG A 89 2.44 -0.26 -12.48
N SER A 90 3.61 0.06 -11.91
CA SER A 90 4.76 0.55 -12.69
C SER A 90 5.60 -0.53 -13.35
N ILE A 91 5.23 -1.79 -13.16
CA ILE A 91 5.95 -2.90 -13.75
C ILE A 91 6.10 -2.72 -15.27
N ALA A 92 5.09 -2.16 -15.92
CA ALA A 92 5.16 -1.97 -17.37
C ALA A 92 5.89 -0.70 -17.78
N VAL A 93 6.42 0.01 -16.80
CA VAL A 93 7.13 1.26 -17.05
C VAL A 93 8.61 1.04 -17.24
N LYS A 94 9.21 1.81 -18.14
CA LYS A 94 10.63 1.71 -18.42
C LYS A 94 11.44 2.11 -17.18
N ASP A 95 11.64 3.41 -16.99
CA ASP A 95 12.40 3.90 -15.84
C ASP A 95 11.60 4.96 -15.14
N GLY A 96 10.56 4.54 -14.46
CA GLY A 96 9.74 5.50 -13.74
C GLY A 96 8.54 4.86 -13.08
N ILE A 97 7.67 5.62 -12.60
CA ILE A 97 6.51 5.14 -11.93
C ILE A 97 5.17 5.69 -12.49
N LEU A 98 4.15 4.96 -12.54
CA LEU A 98 2.88 5.43 -13.09
C LEU A 98 1.97 5.79 -11.93
N LEU A 99 1.55 7.07 -11.85
CA LEU A 99 0.66 7.51 -10.79
C LEU A 99 -0.78 7.20 -11.14
N ALA A 100 -1.62 7.10 -10.13
CA ALA A 100 -3.04 6.81 -10.34
C ALA A 100 -3.72 7.89 -11.18
N THR A 101 -3.18 9.10 -11.13
CA THR A 101 -3.75 10.21 -11.86
C THR A 101 -3.50 10.09 -13.36
N GLY A 102 -2.74 9.08 -13.75
CA GLY A 102 -2.44 8.89 -15.15
C GLY A 102 -1.14 9.56 -15.58
N LEU A 103 -0.34 10.19 -14.69
CA LEU A 103 0.93 10.85 -14.96
C LEU A 103 2.10 9.92 -14.67
N HIS A 104 3.20 10.07 -15.34
CA HIS A 104 4.33 9.25 -15.21
C HIS A 104 5.55 10.04 -14.65
N VAL A 105 6.21 9.48 -13.63
CA VAL A 105 7.37 10.12 -13.02
C VAL A 105 8.66 9.43 -13.43
N HIS A 106 9.35 10.00 -14.40
CA HIS A 106 10.60 9.44 -14.90
C HIS A 106 11.71 9.60 -13.87
N ARG A 107 12.66 8.66 -13.87
CA ARG A 107 13.79 8.71 -12.95
C ARG A 107 14.44 10.08 -12.93
N ASN A 108 14.75 10.59 -14.12
CA ASN A 108 15.38 11.90 -14.25
C ASN A 108 14.55 12.99 -13.58
N SER A 109 13.23 12.92 -13.77
CA SER A 109 12.32 13.89 -13.19
C SER A 109 12.40 13.87 -11.67
N ALA A 110 12.40 12.66 -11.10
CA ALA A 110 12.49 12.50 -9.66
C ALA A 110 13.84 12.97 -9.13
N HIS A 111 14.86 12.58 -9.81
CA HIS A 111 16.27 13.03 -9.54
C HIS A 111 16.39 14.60 -9.52
N SER A 112 15.82 15.16 -10.55
CA SER A 112 15.89 16.60 -10.69
C SER A 112 15.08 17.33 -9.64
N ALA A 113 14.24 16.60 -8.91
CA ALA A 113 13.41 17.17 -7.86
C ALA A 113 13.98 16.96 -6.48
N GLY A 114 15.11 16.27 -6.39
CA GLY A 114 15.72 15.99 -5.10
C GLY A 114 15.27 14.70 -4.43
N VAL A 115 14.45 13.90 -5.12
CA VAL A 115 13.97 12.66 -4.54
C VAL A 115 14.49 11.44 -5.31
N GLY A 116 15.67 11.57 -5.91
CA GLY A 116 16.23 10.47 -6.68
C GLY A 116 16.57 9.25 -5.86
N ALA A 117 17.06 9.46 -4.64
CA ALA A 117 17.43 8.37 -3.77
C ALA A 117 16.23 7.45 -3.45
N ILE A 118 15.17 8.03 -2.92
CA ILE A 118 13.98 7.24 -2.59
C ILE A 118 13.41 6.61 -3.87
N PHE A 119 13.43 7.38 -4.94
CA PHE A 119 12.95 6.90 -6.23
C PHE A 119 13.70 5.65 -6.66
N ASP A 120 15.03 5.67 -6.55
CA ASP A 120 15.85 4.51 -6.93
C ASP A 120 15.52 3.28 -6.07
N ARG A 121 15.21 3.49 -4.81
CA ARG A 121 14.89 2.35 -3.93
C ARG A 121 13.58 1.70 -4.39
N VAL A 122 12.59 2.53 -4.74
CA VAL A 122 11.30 2.00 -5.19
C VAL A 122 11.47 1.14 -6.44
N LEU A 123 12.28 1.58 -7.35
CA LEU A 123 12.51 0.87 -8.53
C LEU A 123 13.28 -0.38 -8.33
N THR A 124 14.35 -0.36 -7.59
CA THR A 124 15.25 -1.49 -7.38
C THR A 124 14.73 -2.52 -6.39
N GLU A 125 14.17 -2.05 -5.28
CA GLU A 125 13.70 -2.97 -4.27
C GLU A 125 12.27 -3.45 -4.46
N LEU A 126 11.48 -2.68 -5.12
CA LEU A 126 10.10 -3.06 -5.33
C LEU A 126 9.68 -3.36 -6.77
N VAL A 127 9.64 -2.33 -7.62
CA VAL A 127 9.21 -2.49 -9.01
C VAL A 127 9.94 -3.57 -9.78
N SER A 128 11.27 -3.50 -9.79
CA SER A 128 12.12 -4.45 -10.48
C SER A 128 11.91 -5.88 -10.00
N LYS A 129 11.82 -6.05 -8.67
CA LYS A 129 11.62 -7.37 -8.08
C LYS A 129 10.23 -7.92 -8.47
N MET A 130 9.22 -7.08 -8.45
CA MET A 130 7.85 -7.50 -8.83
C MET A 130 7.82 -7.97 -10.27
N ARG A 131 8.40 -7.18 -11.17
CA ARG A 131 8.44 -7.53 -12.59
C ARG A 131 9.20 -8.83 -12.85
N ASP A 132 10.38 -8.98 -12.26
CA ASP A 132 11.19 -10.18 -12.47
C ASP A 132 10.48 -11.49 -12.06
N MET A 133 9.75 -11.45 -10.96
CA MET A 133 9.04 -12.65 -10.52
C MET A 133 7.63 -12.68 -11.05
N GLN A 134 7.26 -11.67 -11.82
CA GLN A 134 5.93 -11.57 -12.40
C GLN A 134 4.82 -11.65 -11.34
N MET A 135 4.96 -10.89 -10.25
CA MET A 135 3.96 -10.88 -9.19
C MET A 135 2.61 -10.57 -9.82
N ASP A 136 1.59 -11.37 -9.52
CA ASP A 136 0.27 -11.15 -10.10
C ASP A 136 -0.61 -10.33 -9.17
N LYS A 137 -1.80 -9.97 -9.64
CA LYS A 137 -2.72 -9.14 -8.88
C LYS A 137 -3.25 -9.80 -7.60
N THR A 138 -3.40 -11.13 -7.64
CA THR A 138 -3.85 -11.87 -6.47
C THR A 138 -2.79 -11.77 -5.38
N GLU A 139 -1.54 -12.02 -5.76
CA GLU A 139 -0.43 -11.96 -4.82
C GLU A 139 -0.27 -10.56 -4.23
N LEU A 140 -0.38 -9.54 -5.08
CA LEU A 140 -0.27 -8.16 -4.65
C LEU A 140 -1.39 -7.89 -3.65
N GLY A 141 -2.60 -8.30 -4.00
CA GLY A 141 -3.77 -8.11 -3.15
C GLY A 141 -3.56 -8.71 -1.78
N CYS A 142 -3.03 -9.92 -1.75
CA CYS A 142 -2.77 -10.62 -0.49
C CYS A 142 -1.69 -9.94 0.31
N LEU A 143 -0.62 -9.50 -0.33
CA LEU A 143 0.46 -8.83 0.39
C LEU A 143 -0.11 -7.58 1.05
N ARG A 144 -0.90 -6.80 0.32
CA ARG A 144 -1.49 -5.60 0.90
C ARG A 144 -2.45 -5.95 2.03
N ALA A 145 -3.19 -7.04 1.88
CA ALA A 145 -4.12 -7.50 2.93
C ALA A 145 -3.32 -7.85 4.20
N ILE A 146 -2.14 -8.41 4.04
CA ILE A 146 -1.31 -8.75 5.19
C ILE A 146 -0.84 -7.46 5.86
N VAL A 147 -0.48 -6.47 5.05
CA VAL A 147 -0.03 -5.19 5.57
C VAL A 147 -1.16 -4.49 6.30
N LEU A 148 -2.35 -4.51 5.71
CA LEU A 148 -3.52 -3.90 6.30
C LEU A 148 -3.78 -4.51 7.69
N PHE A 149 -3.77 -5.83 7.76
CA PHE A 149 -3.99 -6.52 9.02
C PHE A 149 -2.69 -6.57 9.85
N ASN A 150 -2.17 -5.39 10.22
CA ASN A 150 -0.94 -5.32 10.99
C ASN A 150 -1.26 -5.40 12.48
N PRO A 151 -0.99 -6.56 13.10
CA PRO A 151 -1.26 -6.76 14.52
C PRO A 151 -0.38 -5.92 15.46
N ASP A 152 0.68 -5.33 14.92
CA ASP A 152 1.60 -4.51 15.72
C ASP A 152 1.11 -3.07 15.84
N SER A 153 0.06 -2.72 15.10
CA SER A 153 -0.51 -1.38 15.15
C SER A 153 -0.89 -1.02 16.57
N LYS A 154 -0.36 0.09 17.06
CA LYS A 154 -0.63 0.54 18.43
C LYS A 154 -2.08 1.02 18.58
N GLY A 155 -2.71 0.68 19.70
CA GLY A 155 -4.06 1.13 19.93
C GLY A 155 -5.15 0.10 19.66
N LEU A 156 -4.76 -0.93 19.02
CA LEU A 156 -5.73 -1.98 18.74
C LEU A 156 -6.44 -2.53 19.97
N SER A 157 -7.75 -2.55 19.95
CA SER A 157 -8.52 -3.04 21.09
C SER A 157 -8.38 -4.55 21.22
N ASN A 158 -8.18 -5.22 20.10
CA ASN A 158 -8.03 -6.67 20.08
C ASN A 158 -6.96 -7.08 19.05
N PRO A 159 -5.68 -6.94 19.41
CA PRO A 159 -4.59 -7.31 18.50
C PRO A 159 -4.63 -8.76 18.04
N ALA A 160 -5.11 -9.63 18.92
CA ALA A 160 -5.20 -11.06 18.61
C ALA A 160 -6.12 -11.27 17.42
N GLU A 161 -7.19 -10.50 17.35
CA GLU A 161 -8.16 -10.60 16.28
C GLU A 161 -7.53 -10.22 14.93
N VAL A 162 -6.71 -9.17 14.94
CA VAL A 162 -6.02 -8.71 13.73
C VAL A 162 -5.00 -9.75 13.32
N GLU A 163 -4.32 -10.31 14.31
CA GLU A 163 -3.32 -11.33 14.02
C GLU A 163 -4.00 -12.53 13.34
N ALA A 164 -5.22 -12.85 13.77
CA ALA A 164 -5.95 -13.98 13.20
C ALA A 164 -6.24 -13.76 11.71
N LEU A 165 -6.70 -12.57 11.36
CA LEU A 165 -7.01 -12.27 9.95
C LEU A 165 -5.75 -12.37 9.10
N ARG A 166 -4.64 -11.81 9.59
CA ARG A 166 -3.38 -11.85 8.86
C ARG A 166 -2.96 -13.29 8.58
N GLU A 167 -3.02 -14.15 9.61
CA GLU A 167 -2.65 -15.56 9.46
C GLU A 167 -3.53 -16.22 8.40
N LYS A 168 -4.79 -15.84 8.34
CA LYS A 168 -5.71 -16.43 7.36
C LYS A 168 -5.38 -15.95 5.95
N VAL A 169 -4.88 -14.72 5.84
CA VAL A 169 -4.50 -14.21 4.54
C VAL A 169 -3.28 -14.95 3.98
N TYR A 170 -2.20 -14.99 4.75
CA TYR A 170 -1.03 -15.67 4.21
C TYR A 170 -1.21 -17.16 4.12
N ALA A 171 -2.25 -17.65 4.77
CA ALA A 171 -2.56 -19.07 4.70
C ALA A 171 -3.17 -19.31 3.31
N SER A 172 -4.04 -18.42 2.88
CA SER A 172 -4.68 -18.55 1.56
C SER A 172 -3.68 -18.21 0.45
N LEU A 173 -2.82 -17.24 0.71
CA LEU A 173 -1.80 -16.85 -0.26
C LEU A 173 -0.87 -18.01 -0.58
N GLU A 174 -0.38 -18.70 0.46
CA GLU A 174 0.51 -19.82 0.23
C GLU A 174 -0.22 -20.90 -0.58
N ALA A 175 -1.49 -21.14 -0.26
CA ALA A 175 -2.34 -22.10 -0.97
C ALA A 175 -2.42 -21.67 -2.45
N TYR A 176 -2.63 -20.39 -2.69
CA TYR A 176 -2.71 -19.85 -4.05
C TYR A 176 -1.41 -20.20 -4.76
N CYS A 177 -0.30 -19.84 -4.13
CA CYS A 177 1.00 -20.14 -4.69
C CYS A 177 1.12 -21.68 -4.56
N LYS A 178 2.19 -22.28 -5.06
CA LYS A 178 2.36 -23.74 -4.97
C LYS A 178 1.31 -24.45 -5.83
N HIS A 179 0.13 -23.85 -5.92
CA HIS A 179 -0.94 -24.40 -6.73
C HIS A 179 -0.87 -23.76 -8.12
N LYS A 180 -0.96 -22.45 -8.22
CA LYS A 180 -0.65 -21.71 -9.48
C LYS A 180 0.80 -21.81 -9.95
N TYR A 181 1.69 -21.76 -8.99
CA TYR A 181 3.11 -21.81 -9.35
C TYR A 181 3.79 -22.97 -8.63
N PRO A 182 3.36 -24.19 -8.93
CA PRO A 182 3.93 -25.39 -8.31
C PRO A 182 5.43 -25.52 -8.53
N GLU A 183 5.91 -25.07 -9.67
CA GLU A 183 7.33 -25.16 -10.00
C GLU A 183 8.19 -24.16 -9.23
N GLN A 184 7.59 -23.34 -8.38
CA GLN A 184 8.34 -22.37 -7.60
C GLN A 184 7.97 -22.49 -6.12
N PRO A 185 8.58 -23.46 -5.42
CA PRO A 185 8.31 -23.70 -3.99
C PRO A 185 8.72 -22.54 -3.08
N GLY A 186 9.65 -21.71 -3.54
CA GLY A 186 10.09 -20.59 -2.72
C GLY A 186 9.40 -19.28 -3.03
N ARG A 187 8.37 -19.34 -3.86
CA ARG A 187 7.64 -18.14 -4.26
C ARG A 187 6.93 -17.44 -3.10
N PHE A 188 6.22 -18.24 -2.29
CA PHE A 188 5.49 -17.72 -1.15
C PHE A 188 6.43 -16.91 -0.28
N ALA A 189 7.56 -17.49 0.11
CA ALA A 189 8.52 -16.80 0.95
C ALA A 189 9.08 -15.56 0.23
N LYS A 190 9.36 -15.67 -1.06
CA LYS A 190 9.90 -14.57 -1.84
C LYS A 190 8.94 -13.37 -1.78
N LEU A 191 7.64 -13.64 -1.88
CA LEU A 191 6.63 -12.60 -1.78
C LEU A 191 6.71 -11.94 -0.40
N LEU A 192 6.70 -12.75 0.65
CA LEU A 192 6.74 -12.21 2.01
C LEU A 192 8.02 -11.43 2.29
N LEU A 193 9.11 -11.84 1.66
CA LEU A 193 10.41 -11.19 1.87
C LEU A 193 10.56 -9.82 1.22
N ARG A 194 9.52 -9.34 0.57
CA ARG A 194 9.59 -7.99 0.04
C ARG A 194 8.97 -7.03 1.04
N LEU A 195 8.32 -7.56 2.08
CA LEU A 195 7.67 -6.72 3.11
C LEU A 195 8.66 -5.88 3.91
N PRO A 196 9.85 -6.42 4.16
CA PRO A 196 10.85 -5.64 4.89
C PRO A 196 11.25 -4.41 4.09
N ALA A 197 11.40 -4.56 2.77
CA ALA A 197 11.76 -3.44 1.92
C ALA A 197 10.62 -2.43 1.91
N LEU A 198 9.38 -2.92 1.82
CA LEU A 198 8.20 -2.07 1.81
C LEU A 198 8.12 -1.21 3.07
N ARG A 199 8.44 -1.82 4.20
CA ARG A 199 8.46 -1.16 5.52
C ARG A 199 9.48 -0.02 5.56
N SER A 200 10.71 -0.31 5.11
CA SER A 200 11.76 0.67 5.11
C SER A 200 11.43 1.80 4.14
N ILE A 201 10.98 1.42 2.95
CA ILE A 201 10.64 2.41 1.94
C ILE A 201 9.45 3.24 2.40
N GLY A 202 8.48 2.59 3.04
CA GLY A 202 7.34 3.31 3.57
C GLY A 202 7.80 4.34 4.59
N LEU A 203 8.77 3.98 5.42
CA LEU A 203 9.22 4.93 6.43
C LEU A 203 9.92 6.14 5.87
N LYS A 204 10.77 5.93 4.87
CA LYS A 204 11.48 7.04 4.24
C LYS A 204 10.54 7.97 3.50
N CYS A 205 9.54 7.42 2.84
CA CYS A 205 8.62 8.27 2.12
C CYS A 205 7.85 9.18 3.07
N LEU A 206 7.49 8.65 4.24
CA LEU A 206 6.76 9.44 5.24
C LEU A 206 7.63 10.58 5.73
N GLU A 207 8.92 10.31 5.89
CA GLU A 207 9.87 11.32 6.35
C GLU A 207 9.90 12.47 5.35
N HIS A 208 9.93 12.14 4.06
CA HIS A 208 9.94 13.16 3.00
C HIS A 208 8.65 13.97 3.08
N LEU A 209 7.52 13.31 3.28
CA LEU A 209 6.23 13.99 3.39
C LEU A 209 6.20 14.97 4.55
N PHE A 210 6.71 14.59 5.71
CA PHE A 210 6.72 15.49 6.85
C PHE A 210 7.62 16.69 6.59
N PHE A 211 8.71 16.47 5.85
CA PHE A 211 9.61 17.57 5.50
C PHE A 211 8.93 18.52 4.52
N PHE A 212 8.16 17.97 3.57
CA PHE A 212 7.46 18.79 2.59
C PHE A 212 6.43 19.66 3.30
N LYS A 213 5.74 19.09 4.28
CA LYS A 213 4.75 19.81 5.05
C LYS A 213 5.44 20.90 5.89
N LEU A 214 6.59 20.56 6.45
CA LEU A 214 7.35 21.49 7.29
C LEU A 214 7.87 22.71 6.50
N ILE A 215 8.49 22.45 5.36
CA ILE A 215 9.04 23.49 4.50
C ILE A 215 7.97 24.47 4.03
N GLY A 216 6.74 23.99 3.91
CA GLY A 216 5.66 24.84 3.49
C GLY A 216 5.30 24.66 2.03
N ASP A 217 6.32 24.55 1.17
CA ASP A 217 6.10 24.34 -0.25
C ASP A 217 5.46 22.97 -0.46
N THR A 218 5.02 22.71 -1.69
CA THR A 218 4.40 21.44 -2.02
C THR A 218 3.01 21.35 -1.41
N PRO A 219 1.97 21.69 -2.18
CA PRO A 219 0.58 21.65 -1.71
C PRO A 219 0.19 20.25 -1.21
N ILE A 220 -0.37 20.16 -0.02
CA ILE A 220 -0.79 18.88 0.52
C ILE A 220 -2.28 18.92 0.78
N ASP A 221 -3.04 18.06 0.09
CA ASP A 221 -4.49 18.02 0.22
C ASP A 221 -4.97 17.57 1.59
N THR A 222 -6.28 17.69 1.80
CA THR A 222 -6.90 17.37 3.08
C THR A 222 -6.76 15.97 3.64
N PHE A 223 -6.97 14.95 2.83
CA PHE A 223 -6.90 13.59 3.34
C PHE A 223 -5.45 13.23 3.64
N LEU A 224 -4.55 13.60 2.75
CA LEU A 224 -3.14 13.31 2.97
C LEU A 224 -2.69 14.07 4.24
N MET A 225 -3.10 15.33 4.36
CA MET A 225 -2.74 16.14 5.52
C MET A 225 -3.25 15.46 6.80
N GLU A 226 -4.48 14.97 6.77
CA GLU A 226 -5.04 14.29 7.94
C GLU A 226 -4.20 13.09 8.34
N MET A 227 -3.67 12.37 7.37
CA MET A 227 -2.84 11.20 7.68
C MET A 227 -1.52 11.57 8.33
N LEU A 228 -0.94 12.69 8.02
CA LEU A 228 0.20 13.35 8.61
C LEU A 228 -0.09 13.93 10.01
N GLU A 229 -1.31 13.94 10.39
CA GLU A 229 -1.67 14.49 11.60
C GLU A 229 -1.39 13.50 12.66
N ALA A 230 -1.18 13.96 13.84
CA ALA A 230 -1.12 13.15 14.99
C ALA A 230 -2.34 12.35 15.47
N PRO A 231 -2.02 11.28 16.10
CA PRO A 231 -0.68 10.89 16.57
C PRO A 231 0.36 10.84 15.44
N LYS B 1 -10.98 13.14 16.28
CA LYS B 1 -10.00 13.34 15.22
C LYS B 1 -10.26 12.42 14.03
N HIS B 2 -9.44 12.50 13.07
CA HIS B 2 -9.48 11.69 11.91
C HIS B 2 -10.83 11.79 11.20
N LYS B 3 -11.18 13.06 11.01
CA LYS B 3 -12.45 13.43 10.40
C LYS B 3 -12.88 12.66 9.13
N ILE B 4 -12.11 12.85 8.15
CA ILE B 4 -12.29 12.31 6.84
C ILE B 4 -12.40 10.77 6.81
N LEU B 5 -11.39 10.17 7.45
CA LEU B 5 -11.32 8.72 7.53
C LEU B 5 -12.57 8.09 8.15
N HIS B 6 -13.01 8.63 9.29
CA HIS B 6 -14.19 8.10 9.97
C HIS B 6 -15.43 8.18 9.08
N ARG B 7 -15.66 9.35 8.50
CA ARG B 7 -16.83 9.56 7.65
C ARG B 7 -16.85 8.57 6.48
N LEU B 8 -15.69 8.36 5.85
CA LEU B 8 -15.61 7.45 4.72
C LEU B 8 -15.85 6.01 5.11
N LEU B 9 -15.34 5.60 6.26
CA LEU B 9 -15.49 4.23 6.74
C LEU B 9 -16.95 3.93 7.12
N GLN B 10 -17.65 4.96 7.58
CA GLN B 10 -19.04 4.82 8.00
C GLN B 10 -20.00 4.67 6.84
N ASP B 11 -19.67 5.33 5.81
CA ASP B 11 -20.52 5.35 4.66
C ASP B 11 -20.47 3.89 4.08
#